data_5QTU
#
_entry.id   5QTU
#
_cell.length_a   79.390
_cell.length_b   79.390
_cell.length_c   105.660
_cell.angle_alpha   90.000
_cell.angle_beta   90.000
_cell.angle_gamma   120.000
#
_symmetry.space_group_name_H-M   'P 32 2 1'
#
loop_
_entity.id
_entity.type
_entity.pdbx_description
1 polymer 'Coagulation factor XI'
2 polymer 'Coagulation factor XI'
3 non-polymer 'methyl [(3R,7S)-7-{[1-(3-chloro-2-fluorophenyl)-5-methyl-1H-imidazole-4-carbonyl]amino}-3-methyl-2-oxo-2,3,4,5,6,7-hexahydro-1H-12,8-(metheno)-1,9-benzodiazacyclotetradecin-15-yl]carbamate'
4 non-polymer 'SULFATE ION'
5 non-polymer 1,2-ETHANEDIOL
6 water water
#
loop_
_entity_poly.entity_id
_entity_poly.type
_entity_poly.pdbx_seq_one_letter_code
_entity_poly.pdbx_strand_id
1 'polypeptide(L)'
;IVGGTASVRGEWPWQVTLHTTSPTQRHLCGGSIIGNQWILTAAHCFYGVESPKILRVYSGILNQSEIKEDTSFFGVQEII
IHDQYKMAESGYDIALLKLETTVGYGDSQRPICLPSKGDRNVIYTDCWVTGWGYRKLRDKIQNTLQKAKIPLVTNEECQK
RYRGHKITHKMICAGYREGGKDACKGDSGGPLSCKHNEVWHLVGITSWGEGCAQRERPGVYTNVVEYVDWILEKTQAVHH
HHHH
;
A
2 'polypeptide(L)' MDDDDKMDNECTTKIKPR H
#
# COMPACT_ATOMS: atom_id res chain seq x y z
N ILE A 1 7.69 5.38 7.95
CA ILE A 1 8.89 5.20 7.13
C ILE A 1 10.13 5.51 7.95
N VAL A 2 11.17 4.67 7.82
CA VAL A 2 12.46 4.87 8.49
C VAL A 2 13.44 5.39 7.44
N GLY A 3 14.19 6.44 7.79
CA GLY A 3 15.20 7.07 6.94
C GLY A 3 14.67 7.67 5.66
N GLY A 4 13.47 8.23 5.73
CA GLY A 4 12.87 8.86 4.55
C GLY A 4 12.87 10.37 4.64
N THR A 5 12.29 11.02 3.61
CA THR A 5 12.12 12.47 3.58
C THR A 5 10.69 12.82 3.31
N ALA A 6 10.28 14.01 3.78
CA ALA A 6 8.97 14.60 3.55
C ALA A 6 8.69 14.51 2.05
N SER A 7 7.46 14.19 1.70
CA SER A 7 7.07 14.14 0.29
C SER A 7 6.66 15.53 -0.11
N VAL A 8 6.63 15.78 -1.41
CA VAL A 8 6.19 17.08 -1.89
C VAL A 8 4.71 16.91 -2.24
N ARG A 9 3.88 17.92 -1.94
CA ARG A 9 2.47 17.83 -2.27
C ARG A 9 2.27 17.43 -3.73
N GLY A 10 1.38 16.47 -3.92
CA GLY A 10 1.02 15.93 -5.23
C GLY A 10 1.97 14.91 -5.78
N GLU A 11 2.98 14.50 -4.99
CA GLU A 11 4.00 13.51 -5.45
C GLU A 11 3.48 12.07 -5.67
N TRP A 12 2.70 11.56 -4.70
CA TRP A 12 2.11 10.21 -4.73
C TRP A 12 0.57 10.39 -4.71
N PRO A 13 -0.06 10.91 -5.80
CA PRO A 13 -1.49 11.24 -5.72
C PRO A 13 -2.45 10.03 -5.59
N TRP A 14 -1.91 8.78 -5.74
CA TRP A 14 -2.63 7.53 -5.51
C TRP A 14 -2.64 7.15 -4.04
N GLN A 15 -1.72 7.67 -3.25
CA GLN A 15 -1.66 7.40 -1.80
C GLN A 15 -2.85 8.01 -1.05
N VAL A 16 -3.45 7.20 -0.20
CA VAL A 16 -4.57 7.63 0.63
C VAL A 16 -4.25 7.26 2.06
N THR A 17 -4.94 7.90 2.99
CA THR A 17 -4.87 7.55 4.38
C THR A 17 -6.21 6.92 4.72
N LEU A 18 -6.15 5.67 5.15
CA LEU A 18 -7.34 4.92 5.54
C LEU A 18 -7.52 5.12 7.06
N HIS A 19 -8.62 5.79 7.47
CA HIS A 19 -8.88 6.08 8.88
C HIS A 19 -9.99 5.23 9.40
N THR A 20 -9.97 5.00 10.72
CA THR A 20 -11.06 4.32 11.42
C THR A 20 -11.66 5.37 12.36
N THR A 21 -12.94 5.20 12.70
CA THR A 21 -13.76 6.08 13.52
C THR A 21 -14.03 5.56 14.94
N SER A 22 -14.01 4.23 15.14
CA SER A 22 -14.26 3.47 16.37
C SER A 22 -12.96 3.00 17.01
N PRO A 23 -12.67 3.36 18.30
CA PRO A 23 -13.46 4.20 19.22
C PRO A 23 -13.42 5.69 18.85
N THR A 24 -12.22 6.21 18.50
CA THR A 24 -12.01 7.61 18.07
C THR A 24 -11.38 7.61 16.68
N GLN A 25 -11.49 8.71 15.94
CA GLN A 25 -10.89 8.78 14.62
C GLN A 25 -9.36 8.84 14.67
N ARG A 26 -8.73 7.93 13.93
CA ARG A 26 -7.29 7.82 13.82
C ARG A 26 -6.90 7.17 12.50
N HIS A 27 -5.71 7.51 11.98
CA HIS A 27 -5.16 6.81 10.83
C HIS A 27 -5.04 5.33 11.20
N LEU A 28 -5.38 4.46 10.25
CA LEU A 28 -5.29 3.02 10.36
C LEU A 28 -4.16 2.44 9.49
N CYS A 29 -4.25 2.66 8.17
CA CYS A 29 -3.35 2.11 7.17
C CYS A 29 -3.22 3.05 5.98
N GLY A 30 -2.29 2.70 5.11
CA GLY A 30 -2.12 3.32 3.81
C GLY A 30 -2.96 2.54 2.80
N GLY A 31 -3.07 3.08 1.60
CA GLY A 31 -3.78 2.47 0.49
C GLY A 31 -3.47 3.22 -0.80
N SER A 32 -3.94 2.66 -1.93
CA SER A 32 -3.75 3.22 -3.27
C SER A 32 -5.04 3.25 -4.08
N ILE A 33 -5.28 4.36 -4.77
CA ILE A 33 -6.41 4.51 -5.68
C ILE A 33 -5.98 3.71 -6.90
N ILE A 34 -6.82 2.79 -7.36
CA ILE A 34 -6.52 2.02 -8.57
C ILE A 34 -7.66 2.14 -9.62
N GLY A 35 -8.76 2.77 -9.21
CA GLY A 35 -9.97 2.94 -9.99
C GLY A 35 -10.76 4.05 -9.34
N ASN A 36 -11.82 4.57 -9.97
CA ASN A 36 -12.52 5.75 -9.44
C ASN A 36 -13.44 5.45 -8.26
N GLN A 37 -13.58 4.18 -7.88
CA GLN A 37 -14.32 3.83 -6.68
C GLN A 37 -13.62 2.67 -5.96
N TRP A 38 -12.33 2.47 -6.27
CA TRP A 38 -11.53 1.36 -5.76
C TRP A 38 -10.24 1.74 -5.08
N ILE A 39 -10.05 1.23 -3.85
CA ILE A 39 -8.83 1.39 -3.06
C ILE A 39 -8.20 0.04 -2.86
N LEU A 40 -6.90 -0.07 -3.13
CA LEU A 40 -6.18 -1.32 -2.92
C LEU A 40 -5.27 -1.14 -1.72
N THR A 41 -5.45 -2.00 -0.72
CA THR A 41 -4.76 -1.97 0.56
C THR A 41 -4.46 -3.42 1.04
N ALA A 42 -4.00 -3.56 2.32
CA ALA A 42 -3.64 -4.86 2.90
C ALA A 42 -4.80 -5.45 3.69
N ALA A 43 -5.06 -6.75 3.57
CA ALA A 43 -6.13 -7.46 4.26
C ALA A 43 -5.97 -7.38 5.78
N HIS A 44 -4.72 -7.43 6.28
CA HIS A 44 -4.43 -7.39 7.73
C HIS A 44 -4.93 -6.07 8.40
N CYS A 45 -5.12 -5.00 7.60
CA CYS A 45 -5.61 -3.72 8.12
C CYS A 45 -6.98 -3.78 8.82
N PHE A 46 -7.84 -4.74 8.43
CA PHE A 46 -9.23 -4.88 8.89
C PHE A 46 -9.42 -5.91 10.00
N TYR A 47 -8.33 -6.34 10.65
CA TYR A 47 -8.41 -7.22 11.82
C TYR A 47 -9.40 -6.59 12.83
N GLY A 48 -10.45 -7.30 13.16
CA GLY A 48 -11.48 -6.84 14.09
C GLY A 48 -12.47 -5.78 13.59
N VAL A 49 -12.27 -5.25 12.34
CA VAL A 49 -13.19 -4.28 11.72
C VAL A 49 -14.44 -5.07 11.31
N GLU A 50 -15.54 -4.87 12.05
CA GLU A 50 -16.75 -5.66 11.79
C GLU A 50 -17.70 -5.01 10.78
N SER A 51 -17.40 -3.77 10.37
CA SER A 51 -18.24 -3.01 9.45
C SER A 51 -17.44 -1.99 8.64
N PRO A 52 -17.80 -1.76 7.35
CA PRO A 52 -17.14 -0.69 6.60
C PRO A 52 -17.61 0.74 7.01
N LYS A 53 -18.69 0.82 7.83
CA LYS A 53 -19.31 2.07 8.31
C LYS A 53 -18.38 2.95 9.13
N ILE A 54 -17.35 2.35 9.79
CA ILE A 54 -16.34 3.03 10.64
C ILE A 54 -15.13 3.50 9.81
N LEU A 55 -15.12 3.22 8.49
CA LEU A 55 -13.98 3.58 7.65
C LEU A 55 -14.14 4.88 6.89
N ARG A 56 -13.04 5.64 6.75
CA ARG A 56 -12.98 6.88 5.98
C ARG A 56 -11.69 6.88 5.19
N VAL A 57 -11.81 7.19 3.91
CA VAL A 57 -10.68 7.26 3.01
C VAL A 57 -10.48 8.72 2.63
N TYR A 58 -9.25 9.22 2.82
CA TYR A 58 -8.83 10.57 2.51
C TYR A 58 -7.76 10.54 1.44
N SER A 59 -8.06 11.16 0.30
CA SER A 59 -7.19 11.27 -0.85
C SER A 59 -6.73 12.74 -0.89
N GLY A 60 -5.69 13.04 -1.66
CA GLY A 60 -5.14 14.38 -1.83
C GLY A 60 -4.62 15.02 -0.56
N ILE A 61 -4.03 14.20 0.35
CA ILE A 61 -3.51 14.61 1.66
C ILE A 61 -2.00 14.49 1.71
N LEU A 62 -1.32 15.56 2.17
CA LEU A 62 0.12 15.51 2.43
C LEU A 62 0.29 15.36 3.96
N ASN A 63 -0.38 16.22 4.72
CA ASN A 63 -0.31 16.29 6.18
C ASN A 63 -1.56 15.81 6.88
N GLN A 64 -1.39 14.92 7.86
CA GLN A 64 -2.53 14.42 8.65
C GLN A 64 -3.32 15.56 9.30
N SER A 65 -2.67 16.72 9.53
CA SER A 65 -3.30 17.89 10.14
C SER A 65 -4.35 18.55 9.23
N GLU A 66 -4.36 18.18 7.92
CA GLU A 66 -5.35 18.63 6.94
C GLU A 66 -6.69 17.96 7.22
N ILE A 67 -6.69 16.90 8.04
CA ILE A 67 -7.89 16.13 8.36
C ILE A 67 -8.57 16.65 9.62
N LYS A 68 -9.75 17.20 9.47
CA LYS A 68 -10.54 17.73 10.57
C LYS A 68 -11.99 17.24 10.40
N GLU A 69 -12.95 17.66 11.25
CA GLU A 69 -14.35 17.24 11.11
C GLU A 69 -14.95 17.70 9.77
N ASP A 70 -14.52 18.88 9.26
CA ASP A 70 -14.99 19.48 8.00
C ASP A 70 -14.28 18.94 6.74
N THR A 71 -13.30 18.05 6.91
CA THR A 71 -12.59 17.46 5.78
C THR A 71 -13.46 16.42 5.08
N SER A 72 -13.54 16.55 3.75
CA SER A 72 -14.30 15.60 2.96
C SER A 72 -13.51 14.30 2.84
N PHE A 73 -14.24 13.19 2.79
CA PHE A 73 -13.68 11.85 2.69
C PHE A 73 -14.55 10.99 1.76
N PHE A 74 -14.13 9.74 1.53
CA PHE A 74 -14.92 8.75 0.81
C PHE A 74 -15.30 7.70 1.80
N GLY A 75 -16.60 7.40 1.85
CA GLY A 75 -17.12 6.32 2.67
C GLY A 75 -16.89 5.00 1.96
N VAL A 76 -16.88 3.91 2.71
CA VAL A 76 -16.62 2.57 2.19
C VAL A 76 -17.93 1.78 2.14
N GLN A 77 -18.31 1.36 0.93
CA GLN A 77 -19.50 0.57 0.66
C GLN A 77 -19.22 -0.87 1.05
N GLU A 78 -18.01 -1.35 0.74
CA GLU A 78 -17.65 -2.75 0.88
C GLU A 78 -16.17 -3.01 1.10
N ILE A 79 -15.87 -3.99 1.94
CA ILE A 79 -14.54 -4.48 2.26
C ILE A 79 -14.45 -5.86 1.60
N ILE A 80 -13.52 -6.01 0.64
CA ILE A 80 -13.33 -7.26 -0.08
C ILE A 80 -11.97 -7.75 0.26
N ILE A 81 -11.89 -8.78 1.10
CA ILE A 81 -10.65 -9.39 1.53
C ILE A 81 -10.48 -10.65 0.72
N HIS A 82 -9.25 -10.93 0.26
CA HIS A 82 -8.97 -12.16 -0.47
C HIS A 82 -9.42 -13.35 0.39
N ASP A 83 -10.24 -14.26 -0.14
CA ASP A 83 -10.80 -15.33 0.67
C ASP A 83 -9.78 -16.43 1.07
N GLN A 84 -8.50 -16.33 0.64
CA GLN A 84 -7.44 -17.28 1.02
C GLN A 84 -6.58 -16.72 2.14
N TYR A 85 -6.82 -15.44 2.49
CA TYR A 85 -6.10 -14.69 3.52
C TYR A 85 -6.35 -15.23 4.95
N LYS A 86 -5.25 -15.50 5.66
CA LYS A 86 -5.22 -15.95 7.03
C LYS A 86 -4.46 -14.90 7.81
N MET A 87 -3.26 -14.55 7.32
CA MET A 87 -2.32 -13.61 7.93
C MET A 87 -1.33 -13.09 6.90
N ALA A 88 -0.77 -11.89 7.17
CA ALA A 88 0.24 -11.19 6.34
C ALA A 88 1.40 -12.09 5.99
N GLU A 89 1.95 -12.83 6.98
CA GLU A 89 3.11 -13.71 6.78
C GLU A 89 2.83 -14.91 5.89
N SER A 90 1.56 -15.33 5.74
CA SER A 90 1.22 -16.45 4.85
C SER A 90 0.84 -15.99 3.43
N GLY A 91 0.69 -14.69 3.25
CA GLY A 91 0.35 -14.10 1.96
C GLY A 91 -1.12 -13.80 1.82
N TYR A 92 -1.53 -13.50 0.57
CA TYR A 92 -2.89 -13.11 0.16
C TYR A 92 -3.29 -11.89 0.96
N ASP A 93 -2.31 -11.05 1.31
CA ASP A 93 -2.53 -9.83 2.09
C ASP A 93 -2.90 -8.70 1.14
N ILE A 94 -4.12 -8.81 0.64
CA ILE A 94 -4.67 -7.90 -0.37
C ILE A 94 -6.17 -7.69 -0.07
N ALA A 95 -6.64 -6.43 -0.18
CA ALA A 95 -8.03 -6.05 0.04
C ALA A 95 -8.41 -4.90 -0.84
N LEU A 96 -9.66 -4.91 -1.27
CA LEU A 96 -10.29 -3.86 -2.05
C LEU A 96 -11.38 -3.20 -1.23
N LEU A 97 -11.41 -1.88 -1.28
CA LEU A 97 -12.45 -1.11 -0.64
C LEU A 97 -13.22 -0.52 -1.80
N LYS A 98 -14.52 -0.79 -1.85
CA LYS A 98 -15.37 -0.18 -2.85
C LYS A 98 -15.88 1.09 -2.18
N LEU A 99 -15.65 2.24 -2.81
CA LEU A 99 -16.08 3.54 -2.25
C LEU A 99 -17.55 3.85 -2.53
N GLU A 100 -18.24 4.53 -1.60
CA GLU A 100 -19.67 4.88 -1.76
C GLU A 100 -19.89 5.88 -2.88
N THR A 101 -18.88 6.75 -3.12
CA THR A 101 -18.90 7.78 -4.16
C THR A 101 -17.63 7.65 -5.02
N THR A 102 -17.67 8.29 -6.17
CA THR A 102 -16.62 8.34 -7.19
C THR A 102 -15.59 9.40 -6.82
N VAL A 103 -14.31 9.04 -7.01
CA VAL A 103 -13.16 9.90 -6.81
C VAL A 103 -13.11 10.72 -8.09
N GLY A 104 -13.10 12.05 -7.95
CA GLY A 104 -12.90 12.94 -9.09
C GLY A 104 -11.40 13.13 -9.28
N TYR A 105 -10.85 12.63 -10.40
CA TYR A 105 -9.43 12.72 -10.68
C TYR A 105 -8.95 14.16 -10.98
N GLY A 106 -7.77 14.49 -10.46
CA GLY A 106 -7.11 15.77 -10.63
C GLY A 106 -5.64 15.64 -10.28
N ASP A 107 -4.94 16.77 -10.12
CA ASP A 107 -3.51 16.78 -9.81
C ASP A 107 -3.19 16.40 -8.37
N SER A 108 -4.19 16.38 -7.47
CA SER A 108 -4.03 16.01 -6.06
C SER A 108 -4.41 14.54 -5.78
N GLN A 109 -5.25 13.94 -6.64
CA GLN A 109 -5.74 12.56 -6.47
C GLN A 109 -5.98 11.89 -7.81
N ARG A 110 -5.25 10.82 -8.09
CA ARG A 110 -5.40 10.09 -9.35
C ARG A 110 -4.98 8.60 -9.18
N PRO A 111 -5.31 7.68 -10.13
CA PRO A 111 -4.98 6.29 -9.90
C PRO A 111 -3.56 5.90 -10.28
N ILE A 112 -3.03 4.86 -9.61
CA ILE A 112 -1.74 4.30 -10.01
C ILE A 112 -2.08 3.11 -10.95
N CYS A 113 -1.24 2.88 -11.97
CA CYS A 113 -1.37 1.77 -12.91
C CYS A 113 -1.02 0.45 -12.23
N LEU A 114 -1.72 -0.57 -12.61
CA LEU A 114 -1.45 -1.91 -12.11
C LEU A 114 -0.34 -2.53 -12.98
N PRO A 115 0.47 -3.49 -12.49
CA PRO A 115 1.50 -4.09 -13.35
C PRO A 115 0.85 -4.96 -14.43
N SER A 116 1.38 -4.89 -15.65
CA SER A 116 0.82 -5.66 -16.77
C SER A 116 1.35 -7.11 -16.72
N LYS A 117 0.67 -8.05 -17.41
CA LYS A 117 1.08 -9.49 -17.46
C LYS A 117 2.50 -9.64 -18.03
N GLY A 118 2.86 -8.75 -18.97
CA GLY A 118 4.20 -8.67 -19.57
C GLY A 118 5.22 -8.05 -18.64
N ASP A 119 4.75 -7.22 -17.69
CA ASP A 119 5.56 -6.55 -16.68
C ASP A 119 6.02 -7.53 -15.57
N ARG A 120 5.59 -8.82 -15.64
CA ARG A 120 6.01 -9.86 -14.69
C ARG A 120 7.52 -10.11 -14.86
N ASN A 121 8.01 -9.97 -16.12
CA ASN A 121 9.40 -10.15 -16.53
C ASN A 121 10.34 -8.98 -16.23
N VAL A 122 9.84 -7.71 -16.30
CA VAL A 122 10.64 -6.46 -16.13
C VAL A 122 11.34 -6.37 -14.73
N ILE A 123 12.42 -5.56 -14.67
CA ILE A 123 13.32 -5.45 -13.52
C ILE A 123 12.89 -4.43 -12.43
N TYR A 124 12.74 -3.12 -12.76
CA TYR A 124 12.38 -2.00 -11.83
C TYR A 124 13.58 -1.61 -10.99
N THR A 125 14.10 -0.39 -11.24
CA THR A 125 15.25 0.16 -10.52
C THR A 125 14.89 1.41 -9.74
N ASP A 126 13.65 1.89 -9.91
CA ASP A 126 13.17 3.10 -9.27
C ASP A 126 11.88 2.82 -8.43
N CYS A 127 12.06 2.21 -7.23
CA CYS A 127 10.95 1.85 -6.33
C CYS A 127 10.93 2.67 -5.07
N TRP A 128 9.75 3.10 -4.65
CA TRP A 128 9.58 3.94 -3.48
C TRP A 128 8.45 3.46 -2.61
N VAL A 129 8.70 3.38 -1.30
CA VAL A 129 7.71 3.06 -0.27
C VAL A 129 7.28 4.38 0.40
N THR A 130 5.97 4.60 0.54
CA THR A 130 5.44 5.83 1.11
C THR A 130 4.51 5.56 2.26
N GLY A 131 4.34 6.56 3.14
CA GLY A 131 3.42 6.43 4.25
C GLY A 131 3.55 7.44 5.36
N TRP A 132 2.59 7.39 6.30
CA TRP A 132 2.56 8.27 7.50
C TRP A 132 3.06 7.53 8.76
N GLY A 133 3.53 6.30 8.59
CA GLY A 133 3.95 5.45 9.70
C GLY A 133 5.17 5.91 10.48
N TYR A 134 5.49 5.15 11.52
CA TYR A 134 6.61 5.36 12.45
C TYR A 134 7.93 5.55 11.75
N ARG A 135 8.83 6.33 12.37
CA ARG A 135 10.16 6.59 11.85
C ARG A 135 11.19 5.63 12.48
N LYS A 136 10.79 4.98 13.58
CA LYS A 136 11.54 3.96 14.34
C LYS A 136 10.53 3.01 14.99
N LEU A 137 10.94 1.77 15.31
CA LEU A 137 10.06 0.70 15.85
C LEU A 137 9.08 1.18 16.93
N ARG A 138 9.52 2.02 17.87
CA ARG A 138 8.61 2.56 18.87
C ARG A 138 8.57 4.06 18.59
N ASP A 139 7.42 4.57 18.12
CA ASP A 139 7.27 5.97 17.72
C ASP A 139 5.79 6.34 17.63
N LYS A 140 5.46 7.18 16.67
CA LYS A 140 4.09 7.61 16.41
C LYS A 140 3.93 7.97 14.93
N ILE A 141 2.68 8.04 14.49
CA ILE A 141 2.28 8.38 13.13
C ILE A 141 2.78 9.81 12.85
N GLN A 142 3.38 9.99 11.68
CA GLN A 142 3.92 11.24 11.18
C GLN A 142 2.86 12.08 10.50
N ASN A 143 3.00 13.39 10.65
CA ASN A 143 2.08 14.33 10.06
C ASN A 143 2.26 14.35 8.54
N THR A 144 3.52 14.50 8.06
CA THR A 144 3.87 14.62 6.64
C THR A 144 4.16 13.29 6.01
N LEU A 145 3.59 13.04 4.81
CA LEU A 145 3.80 11.82 4.02
C LEU A 145 5.29 11.64 3.77
N GLN A 146 5.86 10.55 4.25
CA GLN A 146 7.28 10.29 4.03
C GLN A 146 7.44 9.35 2.85
N LYS A 147 8.63 9.39 2.22
CA LYS A 147 9.02 8.56 1.09
C LYS A 147 10.44 8.02 1.31
N ALA A 148 10.72 6.80 0.80
CA ALA A 148 12.05 6.20 0.80
C ALA A 148 12.20 5.35 -0.43
N LYS A 149 13.31 5.54 -1.19
CA LYS A 149 13.61 4.73 -2.37
C LYS A 149 14.22 3.45 -1.83
N ILE A 150 13.71 2.33 -2.26
CA ILE A 150 14.10 1.01 -1.79
C ILE A 150 14.45 0.11 -2.98
N PRO A 151 15.59 -0.62 -2.94
CA PRO A 151 15.87 -1.55 -4.05
C PRO A 151 15.11 -2.89 -3.89
N LEU A 152 14.60 -3.41 -5.02
CA LEU A 152 13.97 -4.72 -5.02
C LEU A 152 15.00 -5.82 -4.76
N VAL A 153 14.54 -6.92 -4.18
CA VAL A 153 15.39 -8.06 -3.85
C VAL A 153 14.75 -9.32 -4.44
N THR A 154 15.56 -10.29 -4.89
CA THR A 154 15.07 -11.55 -5.44
C THR A 154 14.37 -12.32 -4.35
N ASN A 155 13.44 -13.20 -4.75
CA ASN A 155 12.72 -14.07 -3.84
C ASN A 155 13.75 -14.96 -3.12
N GLU A 156 14.73 -15.51 -3.87
CA GLU A 156 15.83 -16.33 -3.35
C GLU A 156 16.58 -15.61 -2.22
N GLU A 157 17.01 -14.36 -2.46
CA GLU A 157 17.72 -13.53 -1.48
C GLU A 157 16.83 -13.24 -0.28
N CYS A 158 15.53 -12.93 -0.53
CA CYS A 158 14.56 -12.67 0.55
C CYS A 158 14.35 -13.89 1.45
N GLN A 159 14.33 -15.10 0.85
CA GLN A 159 14.16 -16.36 1.57
C GLN A 159 15.30 -16.65 2.53
N LYS A 160 16.58 -16.37 2.17
CA LYS A 160 17.76 -16.57 3.05
C LYS A 160 17.60 -15.70 4.30
N ARG A 161 17.07 -14.48 4.11
CA ARG A 161 16.91 -13.49 5.17
C ARG A 161 15.73 -13.79 6.10
N TYR A 162 14.81 -14.70 5.67
CA TYR A 162 13.65 -15.11 6.45
C TYR A 162 13.61 -16.63 6.65
N ARG A 163 14.56 -17.15 7.45
CA ARG A 163 14.62 -18.57 7.84
C ARG A 163 13.38 -18.84 8.72
N GLY A 164 12.66 -19.91 8.45
CA GLY A 164 11.48 -20.21 9.25
C GLY A 164 10.21 -19.65 8.66
N HIS A 165 10.34 -18.95 7.50
CA HIS A 165 9.22 -18.41 6.74
C HIS A 165 9.22 -18.99 5.34
N LYS A 166 8.08 -18.90 4.66
CA LYS A 166 8.00 -19.35 3.28
C LYS A 166 7.71 -18.14 2.41
N ILE A 167 8.72 -17.67 1.65
CA ILE A 167 8.61 -16.51 0.76
C ILE A 167 8.13 -17.01 -0.59
N THR A 168 6.86 -16.78 -0.88
CA THR A 168 6.20 -17.26 -2.09
C THR A 168 6.39 -16.26 -3.20
N HIS A 169 6.07 -16.68 -4.45
CA HIS A 169 6.17 -15.81 -5.61
C HIS A 169 5.05 -14.81 -5.66
N LYS A 170 4.08 -14.94 -4.73
CA LYS A 170 2.99 -13.97 -4.55
C LYS A 170 3.43 -12.83 -3.57
N MET A 171 4.69 -12.91 -3.09
CA MET A 171 5.36 -11.92 -2.22
C MET A 171 6.53 -11.32 -3.00
N ILE A 172 6.84 -10.04 -2.75
CA ILE A 172 7.96 -9.34 -3.34
C ILE A 172 8.67 -8.57 -2.23
N CYS A 173 10.00 -8.69 -2.17
CA CYS A 173 10.78 -8.07 -1.13
C CYS A 173 11.60 -6.89 -1.57
N ALA A 174 11.83 -5.96 -0.63
CA ALA A 174 12.63 -4.78 -0.88
C ALA A 174 13.38 -4.35 0.36
N GLY A 175 14.63 -3.97 0.17
CA GLY A 175 15.47 -3.49 1.27
C GLY A 175 16.95 -3.40 0.95
N TYR A 176 17.66 -2.59 1.74
CA TYR A 176 19.11 -2.44 1.65
C TYR A 176 19.73 -3.52 2.56
N ARG A 177 20.80 -4.21 2.08
CA ARG A 177 21.46 -5.23 2.92
C ARG A 177 21.84 -4.67 4.33
N GLU A 178 22.18 -3.36 4.44
CA GLU A 178 22.53 -2.71 5.71
C GLU A 178 21.35 -2.07 6.46
N GLY A 179 20.15 -2.16 5.88
CA GLY A 179 18.95 -1.55 6.46
C GLY A 179 18.99 -0.04 6.35
N GLY A 180 18.49 0.65 7.37
CA GLY A 180 18.49 2.11 7.42
C GLY A 180 17.27 2.81 6.84
N LYS A 181 16.83 2.39 5.63
CA LYS A 181 15.64 2.90 4.93
C LYS A 181 14.58 1.79 4.80
N ASP A 182 13.33 2.07 5.25
CA ASP A 182 12.25 1.03 5.22
C ASP A 182 10.87 1.55 5.57
N ALA A 183 9.88 0.66 5.56
CA ALA A 183 8.52 0.94 6.00
C ALA A 183 8.51 0.62 7.47
N CYS A 184 7.55 1.16 8.21
CA CYS A 184 7.40 0.86 9.64
C CYS A 184 5.94 1.03 10.07
N LYS A 185 5.57 0.65 11.31
CA LYS A 185 4.18 0.62 11.81
C LYS A 185 3.39 1.80 11.34
N GLY A 186 2.31 1.54 10.61
CA GLY A 186 1.44 2.59 10.09
C GLY A 186 1.53 2.83 8.60
N ASP A 187 2.55 2.22 7.95
CA ASP A 187 2.76 2.32 6.50
C ASP A 187 2.06 1.23 5.72
N SER A 188 1.68 0.12 6.40
CA SER A 188 1.13 -1.08 5.78
C SER A 188 -0.19 -0.80 5.05
N GLY A 189 -0.42 -1.53 3.97
CA GLY A 189 -1.56 -1.28 3.10
C GLY A 189 -1.20 -0.31 2.00
N GLY A 190 -0.24 0.55 2.29
CA GLY A 190 0.26 1.55 1.36
C GLY A 190 0.98 0.96 0.16
N PRO A 191 1.40 1.84 -0.78
CA PRO A 191 2.07 1.35 -1.99
C PRO A 191 3.57 1.20 -1.95
N LEU A 192 4.08 0.37 -2.87
CA LEU A 192 5.48 0.23 -3.27
C LEU A 192 5.36 0.54 -4.77
N SER A 193 5.60 1.81 -5.11
CA SER A 193 5.42 2.36 -6.45
C SER A 193 6.75 2.33 -7.20
N CYS A 194 6.76 1.73 -8.39
CA CYS A 194 7.96 1.67 -9.21
C CYS A 194 7.73 2.34 -10.55
N LYS A 195 8.64 3.24 -10.94
CA LYS A 195 8.61 3.99 -12.20
C LYS A 195 9.31 3.20 -13.28
N HIS A 196 8.63 3.01 -14.41
CA HIS A 196 9.18 2.27 -15.54
C HIS A 196 8.57 2.82 -16.83
N ASN A 197 9.45 3.37 -17.72
CA ASN A 197 9.10 4.00 -19.00
C ASN A 197 8.21 5.22 -18.74
N GLU A 198 8.68 6.07 -17.79
CA GLU A 198 8.05 7.31 -17.30
C GLU A 198 6.63 7.08 -16.73
N VAL A 199 6.28 5.84 -16.37
CA VAL A 199 4.97 5.46 -15.85
C VAL A 199 5.11 4.72 -14.52
N TRP A 200 4.38 5.20 -13.51
CA TRP A 200 4.39 4.57 -12.20
C TRP A 200 3.44 3.36 -12.17
N HIS A 201 3.93 2.26 -11.56
CA HIS A 201 3.19 1.01 -11.41
C HIS A 201 3.16 0.62 -9.95
N LEU A 202 2.03 0.00 -9.52
CA LEU A 202 1.83 -0.47 -8.16
C LEU A 202 2.35 -1.86 -8.13
N VAL A 203 3.65 -2.01 -7.80
CA VAL A 203 4.37 -3.29 -7.77
C VAL A 203 4.07 -4.06 -6.47
N GLY A 204 3.88 -3.33 -5.38
CA GLY A 204 3.62 -3.96 -4.09
C GLY A 204 2.74 -3.17 -3.15
N ILE A 205 2.20 -3.91 -2.17
CA ILE A 205 1.41 -3.40 -1.05
C ILE A 205 2.23 -3.80 0.19
N THR A 206 2.60 -2.77 1.02
CA THR A 206 3.34 -2.93 2.26
C THR A 206 2.61 -3.95 3.15
N SER A 207 3.27 -5.09 3.42
CA SER A 207 2.66 -6.22 4.15
C SER A 207 3.32 -6.54 5.50
N TRP A 208 4.56 -7.01 5.52
CA TRP A 208 5.21 -7.40 6.78
C TRP A 208 6.73 -7.31 6.79
N GLY A 209 7.33 -7.53 7.96
CA GLY A 209 8.77 -7.55 8.16
C GLY A 209 9.10 -7.76 9.63
N GLU A 210 10.37 -8.10 9.96
CA GLU A 210 10.85 -8.26 11.34
C GLU A 210 11.46 -6.91 11.76
N GLY A 211 10.75 -6.19 12.61
CA GLY A 211 11.15 -4.84 13.03
C GLY A 211 11.01 -3.89 11.86
N CYS A 212 11.84 -2.83 11.80
CA CYS A 212 11.84 -1.87 10.67
C CYS A 212 13.29 -1.50 10.35
N ALA A 213 13.62 -1.40 9.07
CA ALA A 213 14.92 -0.98 8.53
C ALA A 213 16.13 -1.75 9.08
N GLN A 214 15.93 -2.97 9.61
CA GLN A 214 17.02 -3.77 10.15
C GLN A 214 17.85 -4.35 9.02
N ARG A 215 19.16 -4.52 9.26
CA ARG A 215 20.05 -5.12 8.26
C ARG A 215 19.68 -6.58 8.04
N GLU A 216 19.73 -7.00 6.78
CA GLU A 216 19.44 -8.35 6.34
C GLU A 216 17.99 -8.79 6.65
N ARG A 217 17.08 -7.80 6.74
CA ARG A 217 15.63 -7.99 6.94
C ARG A 217 14.84 -7.16 5.92
N PRO A 218 14.68 -7.65 4.66
CA PRO A 218 13.93 -6.87 3.65
C PRO A 218 12.45 -6.78 4.01
N GLY A 219 11.81 -5.72 3.58
CA GLY A 219 10.37 -5.56 3.74
C GLY A 219 9.67 -6.54 2.83
N VAL A 220 8.56 -7.14 3.29
CA VAL A 220 7.80 -8.07 2.48
C VAL A 220 6.50 -7.41 2.06
N TYR A 221 6.27 -7.43 0.75
CA TYR A 221 5.15 -6.80 0.06
C TYR A 221 4.35 -7.80 -0.69
N THR A 222 3.05 -7.52 -0.87
CA THR A 222 2.18 -8.38 -1.67
C THR A 222 2.59 -8.05 -3.11
N ASN A 223 2.90 -9.06 -3.93
CA ASN A 223 3.34 -8.89 -5.32
C ASN A 223 2.10 -8.70 -6.17
N VAL A 224 1.72 -7.42 -6.39
CA VAL A 224 0.48 -7.01 -7.06
C VAL A 224 0.31 -7.65 -8.45
N VAL A 225 1.39 -7.86 -9.20
CA VAL A 225 1.32 -8.50 -10.53
C VAL A 225 0.58 -9.84 -10.44
N GLU A 226 0.83 -10.62 -9.36
CA GLU A 226 0.23 -11.94 -9.14
C GLU A 226 -1.24 -11.86 -8.76
N TYR A 227 -1.80 -10.63 -8.55
CA TYR A 227 -3.21 -10.49 -8.19
C TYR A 227 -4.00 -9.66 -9.13
N VAL A 228 -3.49 -9.42 -10.37
CA VAL A 228 -4.18 -8.60 -11.39
C VAL A 228 -5.52 -9.25 -11.78
N ASP A 229 -5.51 -10.56 -12.00
CA ASP A 229 -6.72 -11.31 -12.32
C ASP A 229 -7.75 -11.22 -11.21
N TRP A 230 -7.32 -11.36 -9.92
CA TRP A 230 -8.18 -11.24 -8.75
C TRP A 230 -8.74 -9.81 -8.64
N ILE A 231 -7.94 -8.74 -8.90
CA ILE A 231 -8.41 -7.33 -8.82
C ILE A 231 -9.48 -7.15 -9.91
N LEU A 232 -9.17 -7.56 -11.14
CA LEU A 232 -10.12 -7.49 -12.25
C LEU A 232 -11.35 -8.30 -11.95
N GLU A 233 -11.21 -9.48 -11.35
CA GLU A 233 -12.36 -10.30 -10.97
C GLU A 233 -13.32 -9.55 -10.08
N LYS A 234 -12.82 -8.97 -8.98
CA LYS A 234 -13.64 -8.30 -7.99
C LYS A 234 -14.15 -6.92 -8.43
N THR A 235 -13.40 -6.17 -9.28
CA THR A 235 -13.78 -4.84 -9.77
C THR A 235 -14.54 -4.79 -11.11
N GLN A 236 -14.39 -5.84 -11.95
CA GLN A 236 -15.03 -5.91 -13.27
C GLN A 236 -16.20 -6.88 -13.33
N ALA A 237 -16.67 -7.38 -12.18
CA ALA A 237 -17.83 -8.29 -12.07
C ALA A 237 -19.06 -7.79 -12.86
N VAL A 238 -19.65 -8.68 -13.69
CA VAL A 238 -20.83 -8.34 -14.52
C VAL A 238 -22.11 -8.09 -13.65
N CYS B 11 -4.42 4.19 -19.39
CA CYS B 11 -3.43 3.38 -18.66
C CYS B 11 -3.45 1.88 -19.12
N THR B 12 -2.26 1.21 -19.03
CA THR B 12 -1.96 -0.18 -19.49
C THR B 12 -3.06 -1.22 -19.12
N THR B 13 -3.34 -1.40 -17.81
CA THR B 13 -4.40 -2.27 -17.31
C THR B 13 -5.62 -1.34 -17.04
N LYS B 14 -6.79 -1.69 -17.60
CA LYS B 14 -8.02 -0.89 -17.51
C LYS B 14 -9.07 -1.42 -16.52
N ILE B 15 -9.51 -0.55 -15.57
CA ILE B 15 -10.56 -0.81 -14.56
C ILE B 15 -11.77 0.06 -14.92
N LYS B 16 -12.96 -0.58 -15.14
CA LYS B 16 -14.23 0.05 -15.54
C LYS B 16 -14.63 1.23 -14.62
N PRO B 17 -15.14 2.36 -15.18
CA PRO B 17 -15.50 3.50 -14.34
C PRO B 17 -16.95 3.46 -13.84
#